data_2A1Y
#
_entry.id   2A1Y
#
_cell.length_a   95.615
_cell.length_b   95.615
_cell.length_c   67.674
_cell.angle_alpha   90.00
_cell.angle_beta   90.00
_cell.angle_gamma   90.00
#
_symmetry.space_group_name_H-M   'I 4'
#
loop_
_entity.id
_entity.type
_entity.pdbx_description
1 polymer 'GMP reductase'
2 non-polymer "GUANOSINE-5'-MONOPHOSPHATE"
3 water water
#
_entity_poly.entity_id   1
_entity_poly.type   'polypeptide(L)'
_entity_poly.pdbx_seq_one_letter_code
;GSSHHHHHHMGNVFDYEDIQLIPAKCIVNSRSECDTTVTLGKHKFKLPVVPANMQTIIDERIATYLAENNYFYIMHRFQP
EKRISFIRDMQSRGLIASISVGVKEDEYEFVQQLAAEHLTPEYITIDIAHGHSNAVINMIQHIKKHLPESFVIAGNVGTP
EAVRELENAGADATKVGIGPGKVCITKIKTGFGTGGWQLAALRWCAKAASKPIIADGGIRTNGDVAKSIRFGATMVMIGS
LFAGHEESPGETIEKDGKLYKEYFGSASEFQKGEKKNVEGKKMFVEHKGSLEDTLIEMEQDLQSSISYAGGTKLDSIRTV
DYVVVKNSIFNGDKVY
;
_entity_poly.pdbx_strand_id   A
#
# COMPACT_ATOMS: atom_id res chain seq x y z
N MET A 10 -11.70 -4.42 17.52
CA MET A 10 -13.09 -3.98 17.19
C MET A 10 -14.18 -4.76 17.99
N GLY A 11 -14.72 -4.14 19.07
CA GLY A 11 -14.25 -2.82 19.62
C GLY A 11 -15.06 -1.60 19.17
N ASN A 12 -14.63 -0.39 19.51
CA ASN A 12 -15.28 0.83 18.96
C ASN A 12 -14.86 0.99 17.47
N VAL A 13 -15.81 1.40 16.62
CA VAL A 13 -15.58 1.59 15.18
C VAL A 13 -15.38 3.07 14.86
N PHE A 14 -14.37 3.37 14.08
CA PHE A 14 -14.09 4.75 13.83
C PHE A 14 -13.26 4.70 12.54
N ASP A 15 -12.88 5.88 12.05
CA ASP A 15 -12.12 5.98 10.87
C ASP A 15 -11.14 7.09 11.00
N TYR A 16 -10.42 7.36 9.91
CA TYR A 16 -9.26 8.27 9.96
C TYR A 16 -9.61 9.58 10.61
N GLU A 17 -10.77 10.15 10.29
CA GLU A 17 -11.07 11.53 10.77
C GLU A 17 -11.52 11.59 12.18
N ASP A 18 -11.69 10.46 12.82
CA ASP A 18 -12.21 10.43 14.17
C ASP A 18 -11.05 10.51 15.18
N ILE A 19 -9.89 10.17 14.66
CA ILE A 19 -8.72 9.94 15.41
C ILE A 19 -7.79 11.16 15.50
N GLN A 20 -7.43 11.49 16.74
CA GLN A 20 -6.33 12.44 17.03
C GLN A 20 -5.28 11.68 17.83
N LEU A 21 -4.01 11.80 17.40
CA LEU A 21 -2.89 11.16 18.17
C LEU A 21 -2.32 12.17 19.17
N ILE A 22 -1.91 11.68 20.33
CA ILE A 22 -1.52 12.53 21.45
C ILE A 22 -0.02 12.59 21.48
N PRO A 23 0.53 13.80 21.52
CA PRO A 23 1.98 14.08 21.48
C PRO A 23 2.66 13.70 22.75
N ALA A 24 3.83 13.08 22.59
CA ALA A 24 4.76 12.86 23.69
C ALA A 24 5.88 13.86 23.59
N LYS A 25 6.70 13.84 24.64
CA LYS A 25 7.82 14.79 24.77
C LYS A 25 8.74 14.70 23.59
N CYS A 26 8.96 15.84 22.96
CA CYS A 26 9.82 15.92 21.78
C CYS A 26 11.29 15.77 22.20
N ILE A 27 11.95 14.80 21.60
CA ILE A 27 13.34 14.54 21.86
C ILE A 27 14.29 14.88 20.69
N VAL A 28 13.90 15.75 19.76
CA VAL A 28 14.69 16.12 18.59
C VAL A 28 14.71 17.62 18.43
N ASN A 29 15.71 18.14 17.71
CA ASN A 29 15.77 19.59 17.52
C ASN A 29 15.24 20.00 16.18
N SER A 30 15.30 19.07 15.25
CA SER A 30 14.79 19.27 13.93
C SER A 30 14.15 17.93 13.52
N ARG A 31 12.99 17.99 12.85
CA ARG A 31 12.29 16.80 12.27
C ARG A 31 13.23 16.00 11.34
N SER A 32 14.11 16.72 10.65
CA SER A 32 15.31 16.16 9.99
C SER A 32 16.07 15.07 10.69
N GLU A 33 16.03 14.97 12.01
CA GLU A 33 16.70 13.86 12.72
C GLU A 33 15.79 12.62 12.82
N CYS A 34 14.61 12.67 12.20
CA CYS A 34 13.67 11.56 12.26
C CYS A 34 13.77 10.76 10.99
N ASP A 35 13.71 9.46 11.18
CA ASP A 35 13.92 8.44 10.18
C ASP A 35 12.58 7.74 9.96
N THR A 36 12.15 7.79 8.73
CA THR A 36 10.84 7.32 8.35
C THR A 36 10.93 6.08 7.52
N THR A 37 12.15 5.54 7.33
CA THR A 37 12.36 4.28 6.56
C THR A 37 11.58 3.12 7.14
N VAL A 38 11.38 2.09 6.34
CA VAL A 38 10.76 0.90 6.83
C VAL A 38 11.35 -0.16 5.94
N THR A 39 11.08 -1.42 6.27
CA THR A 39 11.68 -2.59 5.72
C THR A 39 10.47 -3.43 5.39
N LEU A 40 10.49 -4.11 4.25
CA LEU A 40 9.46 -5.08 3.88
C LEU A 40 10.23 -6.19 3.21
N GLY A 41 10.16 -7.38 3.80
CA GLY A 41 11.07 -8.49 3.51
C GLY A 41 12.53 -8.03 3.49
N LYS A 42 13.25 -8.36 2.42
CA LYS A 42 14.70 -8.16 2.37
C LYS A 42 15.12 -6.78 1.91
N HIS A 43 14.18 -5.82 1.96
CA HIS A 43 14.45 -4.54 1.38
C HIS A 43 13.96 -3.41 2.27
N LYS A 44 14.59 -2.25 2.13
CA LYS A 44 14.50 -1.12 3.06
C LYS A 44 14.06 0.01 2.15
N PHE A 45 13.07 0.78 2.59
CA PHE A 45 12.44 1.81 1.69
C PHE A 45 12.41 3.15 2.39
N LYS A 46 12.25 4.24 1.64
CA LYS A 46 12.32 5.58 2.25
C LYS A 46 11.12 5.95 3.14
N LEU A 47 9.97 5.42 2.75
CA LEU A 47 8.66 5.79 3.32
C LEU A 47 7.81 4.56 3.47
N PRO A 48 7.00 4.52 4.53
CA PRO A 48 5.96 3.48 4.64
C PRO A 48 4.77 3.68 3.69
N VAL A 49 4.96 4.22 2.48
CA VAL A 49 3.83 4.44 1.59
C VAL A 49 4.15 3.78 0.26
N VAL A 50 3.10 3.47 -0.50
CA VAL A 50 3.26 2.83 -1.77
C VAL A 50 2.08 3.34 -2.55
N PRO A 51 2.28 3.79 -3.81
CA PRO A 51 1.14 4.16 -4.67
C PRO A 51 0.30 2.94 -5.02
N ALA A 52 -0.97 3.14 -5.23
CA ALA A 52 -1.86 2.04 -5.59
C ALA A 52 -1.35 1.37 -6.82
N ASN A 53 -1.43 0.04 -6.80
CA ASN A 53 -1.02 -0.75 -7.96
C ASN A 53 -2.13 -0.72 -9.03
N MET A 54 -2.43 0.46 -9.53
CA MET A 54 -3.50 0.73 -10.50
C MET A 54 -2.92 1.51 -11.69
N GLN A 55 -3.50 1.23 -12.86
CA GLN A 55 -3.03 1.86 -14.12
C GLN A 55 -3.24 3.35 -14.16
N THR A 56 -4.07 3.83 -13.24
CA THR A 56 -4.34 5.25 -13.22
C THR A 56 -3.36 5.95 -12.33
N ILE A 57 -2.52 5.17 -11.64
CA ILE A 57 -1.57 5.70 -10.69
C ILE A 57 -0.15 5.41 -11.00
N ILE A 58 0.14 4.17 -11.40
CA ILE A 58 1.55 3.74 -11.54
C ILE A 58 1.78 3.27 -13.03
N ASP A 59 2.97 3.57 -13.57
CA ASP A 59 3.44 2.97 -14.84
C ASP A 59 4.94 2.74 -14.64
N GLU A 60 5.58 2.19 -15.68
CA GLU A 60 7.00 1.76 -15.65
C GLU A 60 7.92 2.95 -15.36
N ARG A 61 7.61 4.09 -15.97
CA ARG A 61 8.29 5.38 -15.71
C ARG A 61 8.30 5.71 -14.21
N ILE A 62 7.13 5.65 -13.60
CA ILE A 62 7.01 5.96 -12.19
C ILE A 62 7.78 4.91 -11.38
N ALA A 63 7.50 3.63 -11.67
CA ALA A 63 8.14 2.44 -11.06
C ALA A 63 9.67 2.53 -11.05
N THR A 64 10.24 3.00 -12.16
CA THR A 64 11.66 3.19 -12.22
C THR A 64 12.13 4.33 -11.36
N TYR A 65 11.39 5.43 -11.39
CA TYR A 65 11.76 6.57 -10.53
C TYR A 65 11.81 6.15 -9.04
N LEU A 66 10.74 5.51 -8.64
CA LEU A 66 10.58 5.12 -7.27
C LEU A 66 11.70 4.18 -6.89
N ALA A 67 11.79 3.04 -7.56
CA ALA A 67 12.86 2.05 -7.35
C ALA A 67 14.24 2.68 -7.30
N GLU A 68 14.57 3.54 -8.27
CA GLU A 68 15.88 4.20 -8.32
C GLU A 68 16.10 5.09 -7.12
N ASN A 69 15.00 5.48 -6.43
CA ASN A 69 15.12 6.28 -5.20
C ASN A 69 14.73 5.58 -3.85
N ASN A 70 14.66 4.23 -3.86
CA ASN A 70 14.36 3.44 -2.64
C ASN A 70 12.95 3.71 -2.02
N TYR A 71 11.98 3.98 -2.90
CA TYR A 71 10.57 3.99 -2.65
C TYR A 71 9.99 2.68 -3.13
N PHE A 72 9.19 2.07 -2.25
CA PHE A 72 8.53 0.79 -2.57
C PHE A 72 7.50 1.11 -3.62
N TYR A 73 7.25 0.20 -4.56
CA TYR A 73 6.24 0.47 -5.57
C TYR A 73 5.69 -0.88 -5.83
N ILE A 74 4.47 -0.92 -6.32
CA ILE A 74 3.89 -2.15 -6.85
C ILE A 74 3.26 -1.77 -8.19
N MET A 75 3.64 -2.52 -9.23
CA MET A 75 3.12 -2.34 -10.57
C MET A 75 1.79 -3.05 -10.72
N HIS A 76 0.94 -2.41 -11.54
CA HIS A 76 -0.39 -2.90 -11.76
C HIS A 76 -0.20 -4.04 -12.73
N ARG A 77 -1.28 -4.76 -12.97
CA ARG A 77 -1.36 -5.96 -13.79
C ARG A 77 -2.06 -5.76 -15.12
N PHE A 78 -2.26 -4.51 -15.55
CA PHE A 78 -3.23 -4.28 -16.62
C PHE A 78 -2.73 -4.67 -18.00
N GLN A 79 -1.42 -4.77 -18.19
CA GLN A 79 -0.88 -5.29 -19.46
C GLN A 79 0.01 -6.46 -19.13
N PRO A 80 -0.61 -7.57 -18.79
CA PRO A 80 0.07 -8.71 -18.22
C PRO A 80 1.21 -9.26 -19.09
N GLU A 81 1.25 -8.86 -20.38
CA GLU A 81 2.20 -9.42 -21.37
C GLU A 81 3.52 -8.72 -21.17
N LYS A 82 3.45 -7.48 -20.69
CA LYS A 82 4.61 -6.62 -20.50
C LYS A 82 5.39 -6.91 -19.22
N ARG A 83 4.87 -7.84 -18.39
CA ARG A 83 5.46 -8.08 -17.04
C ARG A 83 6.84 -8.72 -17.10
N ILE A 84 6.95 -9.81 -17.89
CA ILE A 84 8.20 -10.54 -18.12
C ILE A 84 9.31 -9.57 -18.43
N SER A 85 9.10 -8.71 -19.41
CA SER A 85 10.22 -7.86 -19.78
C SER A 85 10.41 -6.75 -18.77
N PHE A 86 9.33 -6.38 -18.07
CA PHE A 86 9.40 -5.43 -16.96
C PHE A 86 10.33 -5.97 -15.90
N ILE A 87 10.07 -7.19 -15.48
CA ILE A 87 10.94 -7.79 -14.47
C ILE A 87 12.42 -7.68 -14.88
N ARG A 88 12.73 -8.22 -16.07
CA ARG A 88 14.05 -8.18 -16.71
C ARG A 88 14.69 -6.80 -16.85
N ASP A 89 13.94 -5.82 -17.36
CA ASP A 89 14.40 -4.43 -17.28
C ASP A 89 14.73 -4.02 -15.84
N MET A 90 13.78 -4.18 -14.94
CA MET A 90 14.06 -3.69 -13.61
C MET A 90 15.28 -4.42 -13.01
N GLN A 91 15.37 -5.72 -13.25
CA GLN A 91 16.42 -6.51 -12.64
C GLN A 91 17.81 -6.33 -13.29
N SER A 92 17.87 -6.06 -14.60
CA SER A 92 19.16 -5.75 -15.21
C SER A 92 19.67 -4.41 -14.72
N ARG A 93 18.78 -3.66 -14.07
CA ARG A 93 19.07 -2.30 -13.72
C ARG A 93 19.57 -2.15 -12.31
N GLY A 94 19.66 -3.26 -11.57
CA GLY A 94 20.00 -3.22 -10.15
C GLY A 94 18.77 -2.76 -9.35
N LEU A 95 17.58 -2.86 -9.96
CA LEU A 95 16.31 -2.46 -9.31
C LEU A 95 15.34 -3.61 -8.99
N ILE A 96 14.46 -3.34 -8.01
CA ILE A 96 13.48 -4.31 -7.52
C ILE A 96 12.41 -4.37 -8.55
N ALA A 97 11.90 -5.55 -8.79
CA ALA A 97 10.87 -5.85 -9.73
C ALA A 97 9.69 -6.26 -8.83
N SER A 98 8.60 -5.49 -8.87
CA SER A 98 7.48 -5.68 -7.98
C SER A 98 6.20 -5.68 -8.82
N ILE A 99 5.52 -6.80 -8.90
CA ILE A 99 4.52 -6.93 -9.93
C ILE A 99 3.24 -7.39 -9.27
N SER A 100 2.16 -7.36 -10.03
CA SER A 100 0.91 -7.93 -9.53
C SER A 100 0.46 -9.06 -10.42
N VAL A 101 -0.13 -10.13 -9.75
CA VAL A 101 -0.74 -11.27 -10.43
C VAL A 101 -2.18 -11.49 -9.96
N GLY A 102 -2.93 -12.30 -10.72
CA GLY A 102 -4.29 -12.67 -10.36
C GLY A 102 -4.40 -14.15 -10.06
N VAL A 103 -5.42 -14.79 -10.64
CA VAL A 103 -5.67 -16.21 -10.45
C VAL A 103 -6.56 -16.75 -11.59
N LYS A 104 -6.49 -16.07 -12.74
CA LYS A 104 -7.45 -16.30 -13.83
C LYS A 104 -6.88 -16.03 -15.22
N GLU A 105 -6.47 -17.08 -15.96
CA GLU A 105 -6.16 -18.41 -15.45
C GLU A 105 -4.83 -18.78 -16.09
N ASP A 106 -4.50 -18.06 -17.15
CA ASP A 106 -3.22 -18.17 -17.85
C ASP A 106 -2.08 -17.56 -17.04
N GLU A 107 -2.39 -17.03 -15.86
CA GLU A 107 -1.36 -16.54 -14.94
C GLU A 107 -0.85 -17.61 -13.97
N TYR A 108 -1.45 -18.80 -14.04
CA TYR A 108 -0.90 -19.99 -13.39
C TYR A 108 0.32 -20.47 -14.18
N GLU A 109 0.28 -20.31 -15.49
CA GLU A 109 1.41 -20.65 -16.35
C GLU A 109 2.34 -19.47 -16.52
N PHE A 110 1.86 -18.28 -16.19
CA PHE A 110 2.70 -17.09 -16.15
C PHE A 110 3.81 -17.23 -15.12
N VAL A 111 3.42 -17.53 -13.87
CA VAL A 111 4.39 -17.74 -12.80
C VAL A 111 5.18 -19.02 -13.01
N GLN A 112 4.65 -19.90 -13.85
CA GLN A 112 5.39 -21.13 -14.27
C GLN A 112 6.39 -20.83 -15.38
N GLN A 113 6.07 -19.83 -16.19
CA GLN A 113 6.94 -19.33 -17.25
C GLN A 113 8.12 -18.55 -16.67
N LEU A 114 7.79 -17.76 -15.66
CA LEU A 114 8.77 -17.09 -14.83
C LEU A 114 9.79 -18.06 -14.20
N ALA A 115 9.32 -19.22 -13.69
CA ALA A 115 10.24 -20.23 -13.14
C ALA A 115 11.20 -20.79 -14.22
N ALA A 116 10.61 -21.30 -15.29
CA ALA A 116 11.39 -21.69 -16.48
C ALA A 116 12.36 -20.55 -16.92
N GLU A 117 11.87 -19.30 -16.99
CA GLU A 117 12.72 -18.20 -17.46
C GLU A 117 13.83 -17.83 -16.47
N HIS A 118 13.86 -18.53 -15.34
CA HIS A 118 14.79 -18.25 -14.22
C HIS A 118 14.68 -16.77 -13.73
N LEU A 119 13.44 -16.27 -13.77
CA LEU A 119 13.07 -14.89 -13.44
C LEU A 119 12.34 -14.82 -12.10
N THR A 120 13.04 -14.51 -11.01
CA THR A 120 12.33 -14.36 -9.73
C THR A 120 12.06 -12.86 -9.39
N PRO A 121 10.77 -12.42 -9.48
CA PRO A 121 10.41 -11.05 -9.07
C PRO A 121 10.58 -10.95 -7.55
N GLU A 122 11.17 -9.87 -7.06
CA GLU A 122 11.32 -9.70 -5.61
C GLU A 122 10.02 -9.65 -4.81
N TYR A 123 8.99 -9.06 -5.44
CA TYR A 123 7.67 -8.89 -4.81
C TYR A 123 6.58 -9.25 -5.79
N ILE A 124 5.62 -9.99 -5.34
CA ILE A 124 4.52 -10.28 -6.19
C ILE A 124 3.27 -10.04 -5.34
N THR A 125 2.31 -9.33 -5.90
CA THR A 125 1.10 -9.02 -5.15
C THR A 125 -0.02 -9.67 -5.91
N ILE A 126 -0.75 -10.52 -5.22
CA ILE A 126 -1.93 -11.21 -5.70
C ILE A 126 -3.07 -10.30 -5.30
N ASP A 127 -3.59 -9.56 -6.28
CA ASP A 127 -4.46 -8.46 -5.97
C ASP A 127 -5.88 -8.67 -6.50
N ILE A 128 -6.77 -9.17 -5.66
CA ILE A 128 -8.18 -9.48 -5.98
C ILE A 128 -9.12 -8.66 -5.10
N ALA A 129 -10.13 -8.01 -5.70
CA ALA A 129 -11.21 -7.32 -4.91
C ALA A 129 -11.60 -8.08 -3.63
N HIS A 130 -12.03 -9.34 -3.77
CA HIS A 130 -12.44 -10.09 -2.60
C HIS A 130 -11.45 -11.22 -2.42
N GLY A 131 -10.35 -10.88 -1.81
CA GLY A 131 -9.22 -11.76 -1.84
C GLY A 131 -9.25 -12.83 -0.81
N HIS A 132 -10.25 -12.81 0.06
CA HIS A 132 -10.47 -13.91 0.94
C HIS A 132 -11.13 -15.04 0.19
N SER A 133 -10.31 -15.89 -0.48
CA SER A 133 -10.78 -17.06 -1.24
C SER A 133 -9.74 -18.13 -1.48
N ASN A 134 -10.23 -19.38 -1.67
CA ASN A 134 -9.34 -20.47 -2.12
C ASN A 134 -8.63 -20.00 -3.35
N ALA A 135 -9.30 -19.28 -4.23
CA ALA A 135 -8.58 -18.77 -5.39
C ALA A 135 -7.25 -18.09 -4.98
N VAL A 136 -7.27 -17.33 -3.89
CA VAL A 136 -6.09 -16.58 -3.54
C VAL A 136 -5.06 -17.51 -2.84
N ILE A 137 -5.57 -18.36 -1.95
CA ILE A 137 -4.77 -19.38 -1.29
C ILE A 137 -3.99 -20.20 -2.36
N ASN A 138 -4.70 -20.57 -3.42
CA ASN A 138 -4.11 -21.44 -4.43
C ASN A 138 -2.97 -20.74 -5.17
N MET A 139 -3.16 -19.45 -5.43
CA MET A 139 -2.13 -18.74 -6.13
C MET A 139 -0.95 -18.48 -5.24
N ILE A 140 -1.19 -18.29 -3.95
CA ILE A 140 -0.09 -18.13 -3.02
C ILE A 140 0.78 -19.40 -3.01
N GLN A 141 0.13 -20.55 -2.74
CA GLN A 141 0.83 -21.86 -2.71
C GLN A 141 1.57 -22.05 -4.00
N HIS A 142 0.86 -21.91 -5.12
CA HIS A 142 1.48 -21.97 -6.45
C HIS A 142 2.77 -21.14 -6.61
N ILE A 143 2.81 -19.95 -6.04
CA ILE A 143 3.98 -19.08 -6.19
C ILE A 143 5.04 -19.52 -5.21
N LYS A 144 4.64 -19.83 -3.98
CA LYS A 144 5.65 -20.31 -3.06
C LYS A 144 6.34 -21.57 -3.70
N LYS A 145 5.56 -22.40 -4.42
CA LYS A 145 6.12 -23.54 -5.16
C LYS A 145 7.01 -23.14 -6.35
N HIS A 146 6.54 -22.31 -7.24
CA HIS A 146 7.38 -22.02 -8.38
C HIS A 146 8.44 -20.94 -8.20
N LEU A 147 8.16 -19.93 -7.39
CA LEU A 147 9.09 -18.86 -7.17
C LEU A 147 9.24 -18.62 -5.70
N PRO A 148 9.86 -19.57 -4.96
CA PRO A 148 9.88 -19.48 -3.51
C PRO A 148 10.64 -18.27 -2.93
N GLU A 149 11.32 -17.51 -3.78
CA GLU A 149 12.19 -16.45 -3.29
C GLU A 149 11.52 -15.08 -3.55
N SER A 150 10.32 -15.16 -4.10
CA SER A 150 9.46 -13.99 -4.29
C SER A 150 8.65 -13.67 -3.02
N PHE A 151 8.79 -12.44 -2.52
CA PHE A 151 7.98 -11.95 -1.38
C PHE A 151 6.53 -11.77 -1.87
N VAL A 152 5.60 -12.47 -1.24
CA VAL A 152 4.20 -12.46 -1.73
C VAL A 152 3.24 -11.65 -0.84
N ILE A 153 2.57 -10.70 -1.48
CA ILE A 153 1.61 -9.84 -0.81
C ILE A 153 0.31 -10.33 -1.28
N ALA A 154 -0.58 -10.59 -0.33
CA ALA A 154 -1.85 -11.14 -0.82
C ALA A 154 -3.06 -10.33 -0.34
N GLY A 155 -4.10 -10.22 -1.17
CA GLY A 155 -5.34 -9.58 -0.71
C GLY A 155 -6.28 -9.27 -1.88
N ASN A 156 -7.27 -8.40 -1.68
CA ASN A 156 -7.52 -7.61 -0.49
C ASN A 156 -8.42 -8.28 0.53
N VAL A 157 -8.20 -7.99 1.82
CA VAL A 157 -9.05 -8.62 2.90
C VAL A 157 -9.56 -7.61 3.86
N GLY A 158 -10.52 -7.97 4.68
CA GLY A 158 -11.08 -6.97 5.60
C GLY A 158 -11.31 -7.55 6.96
N THR A 159 -10.87 -8.78 7.20
CA THR A 159 -11.09 -9.42 8.49
C THR A 159 -9.78 -10.09 9.01
N PRO A 160 -9.67 -10.23 10.35
CA PRO A 160 -8.63 -11.05 10.98
C PRO A 160 -8.68 -12.49 10.50
N GLU A 161 -9.86 -13.01 10.28
CA GLU A 161 -9.97 -14.35 9.80
CA GLU A 161 -9.99 -14.37 9.75
C GLU A 161 -9.36 -14.47 8.37
N ALA A 162 -9.52 -13.46 7.50
CA ALA A 162 -8.98 -13.57 6.13
C ALA A 162 -7.49 -13.46 6.23
N VAL A 163 -7.02 -12.54 7.11
CA VAL A 163 -5.61 -12.29 7.30
C VAL A 163 -4.90 -13.61 7.72
N ARG A 164 -5.49 -14.35 8.67
CA ARG A 164 -4.85 -15.55 9.24
C ARG A 164 -4.71 -16.55 8.12
N GLU A 165 -5.80 -16.68 7.37
CA GLU A 165 -5.95 -17.78 6.42
C GLU A 165 -5.12 -17.48 5.24
N LEU A 166 -5.00 -16.25 4.81
CA LEU A 166 -3.96 -15.92 3.86
C LEU A 166 -2.51 -16.14 4.38
N GLU A 167 -2.20 -15.69 5.63
CA GLU A 167 -0.88 -15.87 6.19
C GLU A 167 -0.55 -17.37 6.35
N ASN A 168 -1.54 -18.16 6.77
CA ASN A 168 -1.39 -19.59 6.80
C ASN A 168 -1.22 -20.25 5.39
N ALA A 169 -1.72 -19.61 4.35
CA ALA A 169 -1.53 -20.14 3.01
C ALA A 169 -0.11 -19.89 2.60
N GLY A 170 0.59 -19.01 3.34
CA GLY A 170 1.97 -18.64 3.01
C GLY A 170 2.28 -17.20 2.56
N ALA A 171 1.34 -16.27 2.79
CA ALA A 171 1.56 -14.91 2.36
C ALA A 171 2.62 -14.28 3.23
N ASP A 172 3.49 -13.47 2.62
CA ASP A 172 4.49 -12.77 3.36
C ASP A 172 3.98 -11.43 3.96
N ALA A 173 2.88 -10.92 3.37
CA ALA A 173 2.14 -9.73 3.78
C ALA A 173 0.73 -9.81 3.20
N THR A 174 -0.20 -9.13 3.87
CA THR A 174 -1.60 -9.04 3.39
C THR A 174 -1.97 -7.62 3.18
N LYS A 175 -2.85 -7.44 2.23
CA LYS A 175 -3.35 -6.11 1.95
C LYS A 175 -4.74 -5.87 2.48
N VAL A 176 -4.89 -4.90 3.38
CA VAL A 176 -6.15 -4.72 4.06
C VAL A 176 -6.96 -3.52 3.60
N GLY A 177 -8.21 -3.78 3.22
CA GLY A 177 -9.14 -2.73 2.74
C GLY A 177 -10.12 -3.28 1.74
N ILE A 178 -11.42 -3.16 2.03
CA ILE A 178 -12.47 -3.60 1.11
C ILE A 178 -13.44 -2.40 0.87
N GLY A 179 -13.27 -1.74 -0.23
CA GLY A 179 -14.05 -0.55 -0.49
C GLY A 179 -13.81 0.77 0.22
N PRO A 180 -12.68 1.01 0.93
CA PRO A 180 -12.58 2.39 1.36
C PRO A 180 -12.00 3.39 0.26
N GLY A 181 -11.63 2.91 -0.95
CA GLY A 181 -11.02 3.82 -1.99
C GLY A 181 -11.87 5.07 -2.34
N LYS A 182 -11.25 6.23 -2.66
CA LYS A 182 -12.06 7.40 -3.14
C LYS A 182 -12.93 7.03 -4.35
N VAL A 183 -12.35 6.30 -5.31
CA VAL A 183 -13.13 5.98 -6.50
C VAL A 183 -13.83 4.62 -6.37
N CYS A 184 -13.85 4.03 -5.16
CA CYS A 184 -14.44 2.73 -5.03
C CYS A 184 -15.89 2.84 -4.59
N ILE A 185 -16.71 1.94 -5.17
CA ILE A 185 -18.18 1.98 -5.10
C ILE A 185 -18.75 0.65 -4.61
N THR A 186 -17.89 -0.26 -4.17
CA THR A 186 -18.26 -1.53 -3.52
C THR A 186 -19.17 -1.29 -2.33
N LYS A 187 -18.88 -0.30 -1.48
CA LYS A 187 -19.79 0.03 -0.36
C LYS A 187 -21.20 0.40 -0.83
N ILE A 188 -21.32 1.07 -1.97
CA ILE A 188 -22.62 1.56 -2.42
C ILE A 188 -23.44 0.46 -3.08
N LYS A 189 -22.77 -0.37 -3.88
CA LYS A 189 -23.43 -1.35 -4.66
C LYS A 189 -23.81 -2.56 -3.85
N THR A 190 -23.03 -2.90 -2.79
CA THR A 190 -23.11 -4.23 -2.21
C THR A 190 -23.41 -4.21 -0.77
N GLY A 191 -23.07 -3.08 -0.12
CA GLY A 191 -23.32 -2.79 1.29
C GLY A 191 -22.31 -3.47 2.22
N PHE A 192 -21.18 -3.93 1.63
CA PHE A 192 -20.21 -4.70 2.32
C PHE A 192 -18.91 -3.92 2.36
N GLY A 193 -18.16 -4.03 3.45
CA GLY A 193 -16.67 -3.76 3.45
C GLY A 193 -16.17 -2.86 4.54
N THR A 194 -14.94 -2.32 4.41
CA THR A 194 -14.37 -1.44 5.44
C THR A 194 -14.55 0.05 5.22
N GLY A 195 -15.31 0.40 4.17
CA GLY A 195 -15.59 1.80 3.90
C GLY A 195 -16.36 2.41 5.08
N GLY A 196 -15.88 3.57 5.57
CA GLY A 196 -16.51 4.27 6.66
C GLY A 196 -15.85 3.87 7.98
N TRP A 197 -14.98 2.83 7.98
CA TRP A 197 -14.39 2.33 9.27
C TRP A 197 -13.03 1.70 8.93
N GLN A 198 -12.42 2.13 7.83
CA GLN A 198 -11.10 1.58 7.47
C GLN A 198 -10.10 1.54 8.58
N LEU A 199 -9.96 2.60 9.35
CA LEU A 199 -8.84 2.64 10.29
C LEU A 199 -9.09 1.63 11.43
N ALA A 200 -10.35 1.46 11.80
CA ALA A 200 -10.69 0.52 12.82
C ALA A 200 -10.58 -0.89 12.27
N ALA A 201 -10.96 -1.10 11.00
CA ALA A 201 -10.82 -2.44 10.34
C ALA A 201 -9.33 -2.85 10.28
N LEU A 202 -8.47 -1.86 10.19
CA LEU A 202 -7.05 -2.05 10.32
C LEU A 202 -6.57 -2.38 11.73
N ARG A 203 -6.95 -1.60 12.76
CA ARG A 203 -6.60 -1.94 14.14
C ARG A 203 -6.85 -3.43 14.29
N TRP A 204 -7.96 -3.88 13.76
CA TRP A 204 -8.47 -5.18 14.13
C TRP A 204 -7.93 -6.36 13.36
N CYS A 205 -7.68 -6.16 12.08
CA CYS A 205 -6.88 -7.10 11.31
C CYS A 205 -5.45 -7.19 11.80
N ALA A 206 -4.83 -6.06 12.07
CA ALA A 206 -3.48 -6.03 12.62
C ALA A 206 -3.25 -6.79 13.96
N LYS A 207 -4.19 -6.70 14.88
CA LYS A 207 -4.18 -7.41 16.14
C LYS A 207 -3.91 -8.93 15.89
N ALA A 208 -4.26 -9.43 14.70
CA ALA A 208 -4.24 -10.89 14.46
C ALA A 208 -3.23 -11.31 13.42
N ALA A 209 -2.34 -10.39 13.05
CA ALA A 209 -1.51 -10.63 11.91
C ALA A 209 -0.13 -11.01 12.38
N SER A 210 0.49 -12.00 11.75
CA SER A 210 1.92 -12.30 11.97
C SER A 210 2.81 -11.65 10.91
N LYS A 211 2.18 -11.23 9.82
CA LYS A 211 2.91 -10.67 8.71
C LYS A 211 2.58 -9.19 8.53
N PRO A 212 3.50 -8.47 7.89
CA PRO A 212 3.23 -7.11 7.60
C PRO A 212 1.87 -6.93 6.90
N ILE A 213 1.14 -5.90 7.27
CA ILE A 213 -0.10 -5.55 6.61
C ILE A 213 0.14 -4.29 5.79
N ILE A 214 -0.36 -4.31 4.57
CA ILE A 214 -0.48 -3.09 3.81
C ILE A 214 -1.90 -2.58 3.92
N ALA A 215 -2.03 -1.43 4.59
CA ALA A 215 -3.31 -0.72 4.73
C ALA A 215 -3.60 -0.07 3.42
N ASP A 216 -4.70 -0.48 2.83
CA ASP A 216 -4.98 -0.09 1.49
C ASP A 216 -6.27 0.73 1.40
N GLY A 217 -6.15 2.03 1.17
CA GLY A 217 -7.41 2.83 0.82
C GLY A 217 -7.89 3.69 2.02
N GLY A 218 -8.62 4.78 1.73
CA GLY A 218 -9.15 5.66 2.79
C GLY A 218 -8.23 6.81 3.19
N ILE A 219 -6.96 6.78 2.86
CA ILE A 219 -6.00 7.86 3.23
C ILE A 219 -6.40 9.18 2.52
N ARG A 220 -6.68 10.24 3.30
CA ARG A 220 -7.17 11.55 2.77
C ARG A 220 -6.19 12.69 3.08
N THR A 221 -5.30 12.49 4.07
CA THR A 221 -4.35 13.49 4.49
C THR A 221 -3.04 12.73 4.70
N ASN A 222 -1.87 13.41 4.79
CA ASN A 222 -0.63 12.70 5.14
C ASN A 222 -0.62 12.24 6.62
N GLY A 223 -1.32 12.94 7.52
CA GLY A 223 -1.54 12.50 8.94
C GLY A 223 -2.10 11.11 9.09
N ASP A 224 -2.88 10.68 8.08
CA ASP A 224 -3.49 9.32 8.02
C ASP A 224 -2.46 8.21 7.75
N VAL A 225 -1.34 8.57 7.13
CA VAL A 225 -0.21 7.66 7.12
C VAL A 225 0.19 7.40 8.60
N ALA A 226 0.44 8.45 9.42
CA ALA A 226 0.88 8.25 10.79
C ALA A 226 -0.20 7.45 11.49
N LYS A 227 -1.48 7.76 11.22
CA LYS A 227 -2.55 7.06 11.95
C LYS A 227 -2.57 5.58 11.64
N SER A 228 -2.25 5.24 10.41
CA SER A 228 -2.21 3.87 9.93
C SER A 228 -1.04 3.12 10.56
N ILE A 229 0.07 3.83 10.64
CA ILE A 229 1.15 3.37 11.45
C ILE A 229 0.69 3.13 12.89
N ARG A 230 0.08 4.10 13.58
CA ARG A 230 -0.36 3.85 14.92
C ARG A 230 -1.09 2.52 15.07
N PHE A 231 -2.01 2.24 14.11
CA PHE A 231 -2.91 1.11 14.18
C PHE A 231 -2.51 -0.13 13.45
N GLY A 232 -1.23 -0.26 13.14
CA GLY A 232 -0.70 -1.59 12.77
C GLY A 232 -0.12 -1.80 11.37
N ALA A 233 -0.37 -0.87 10.44
CA ALA A 233 0.21 -0.96 9.12
C ALA A 233 1.77 -1.02 9.15
N THR A 234 2.33 -1.80 8.24
CA THR A 234 3.73 -1.62 7.87
C THR A 234 3.82 -0.70 6.71
N MET A 235 2.87 -0.82 5.80
CA MET A 235 2.93 -0.04 4.57
C MET A 235 1.54 0.50 4.29
N VAL A 236 1.48 1.65 3.66
CA VAL A 236 0.21 2.29 3.33
C VAL A 236 0.08 2.53 1.82
N MET A 237 -0.90 1.88 1.23
CA MET A 237 -1.20 2.10 -0.16
C MET A 237 -2.13 3.29 -0.38
N ILE A 238 -1.76 4.14 -1.36
CA ILE A 238 -2.44 5.46 -1.55
C ILE A 238 -2.73 5.62 -3.03
N GLY A 239 -3.98 5.84 -3.37
CA GLY A 239 -4.37 6.02 -4.77
C GLY A 239 -4.64 7.51 -4.95
N SER A 240 -5.73 7.95 -4.34
CA SER A 240 -6.19 9.36 -4.42
C SER A 240 -5.12 10.41 -4.26
N LEU A 241 -4.30 10.30 -3.22
CA LEU A 241 -3.31 11.32 -2.95
C LEU A 241 -2.17 11.31 -3.97
N PHE A 242 -2.04 10.18 -4.67
CA PHE A 242 -1.00 10.11 -5.71
C PHE A 242 -1.60 10.33 -7.10
N ALA A 243 -2.91 10.36 -7.23
CA ALA A 243 -3.55 10.71 -8.47
C ALA A 243 -3.21 12.14 -8.89
N GLY A 244 -3.04 12.36 -10.19
CA GLY A 244 -3.09 13.71 -10.77
C GLY A 244 -1.82 14.50 -10.66
N HIS A 245 -0.70 13.79 -10.48
CA HIS A 245 0.61 14.42 -10.55
C HIS A 245 1.06 14.58 -12.02
N GLU A 246 2.07 15.39 -12.31
N GLU A 246 2.15 15.33 -12.16
CA GLU A 246 2.44 15.49 -13.74
CA GLU A 246 2.80 15.63 -13.46
C GLU A 246 2.92 14.13 -14.22
C GLU A 246 3.17 14.34 -14.18
N GLU A 247 3.73 13.42 -13.43
CA GLU A 247 4.18 12.11 -13.91
C GLU A 247 3.05 11.09 -14.08
N SER A 248 1.88 11.36 -13.50
CA SER A 248 0.81 10.35 -13.44
C SER A 248 0.25 9.98 -14.80
N PRO A 249 -0.17 8.72 -14.97
CA PRO A 249 -0.94 8.24 -16.10
C PRO A 249 -2.12 9.10 -16.41
N GLY A 250 -2.54 9.15 -17.67
CA GLY A 250 -3.82 9.80 -17.94
C GLY A 250 -3.60 11.16 -18.56
N GLU A 251 -4.58 11.63 -19.32
CA GLU A 251 -4.37 12.96 -19.90
C GLU A 251 -4.92 14.09 -19.07
N THR A 252 -4.44 15.25 -19.47
CA THR A 252 -4.51 16.46 -18.75
C THR A 252 -5.41 17.35 -19.52
N ILE A 253 -6.24 18.10 -18.80
CA ILE A 253 -7.21 18.94 -19.48
C ILE A 253 -7.17 20.37 -19.01
N GLU A 254 -7.70 21.22 -19.90
CA GLU A 254 -7.28 22.60 -20.19
C GLU A 254 -6.52 22.55 -21.55
N LYS A 258 -8.71 25.58 -15.12
CA LYS A 258 -7.33 25.19 -15.39
C LYS A 258 -7.22 23.68 -15.59
N LEU A 259 -6.53 23.02 -14.66
CA LEU A 259 -5.71 21.87 -14.98
C LEU A 259 -6.15 20.63 -14.20
N TYR A 260 -6.33 19.52 -14.89
CA TYR A 260 -6.97 18.35 -14.32
C TYR A 260 -6.39 17.06 -14.89
N LYS A 261 -6.52 15.97 -14.15
CA LYS A 261 -6.23 14.62 -14.68
C LYS A 261 -7.29 13.62 -14.23
N GLU A 262 -7.56 12.62 -15.04
CA GLU A 262 -8.54 11.62 -14.62
C GLU A 262 -8.00 10.62 -13.55
N TYR A 263 -8.88 10.09 -12.70
CA TYR A 263 -8.51 9.02 -11.78
C TYR A 263 -9.65 8.02 -11.54
N PHE A 264 -9.40 6.74 -11.84
CA PHE A 264 -10.43 5.69 -11.92
C PHE A 264 -9.81 4.29 -11.64
N GLY A 265 -10.63 3.30 -11.30
CA GLY A 265 -10.12 1.92 -11.09
C GLY A 265 -10.61 0.86 -12.08
N SER A 266 -10.07 -0.36 -11.96
CA SER A 266 -10.65 -1.57 -12.60
C SER A 266 -10.73 -2.73 -11.59
N PHE A 284 -11.78 16.03 -12.57
CA PHE A 284 -11.94 14.65 -12.19
C PHE A 284 -10.77 14.18 -11.34
N VAL A 285 -9.66 14.90 -11.42
CA VAL A 285 -8.99 15.42 -10.26
C VAL A 285 -8.39 16.75 -10.66
N GLU A 286 -7.76 17.44 -9.72
CA GLU A 286 -7.02 18.64 -10.08
C GLU A 286 -5.52 18.41 -10.02
N HIS A 287 -4.80 19.08 -10.91
CA HIS A 287 -3.40 18.77 -11.14
C HIS A 287 -2.55 19.06 -9.91
N LYS A 288 -1.69 18.11 -9.55
CA LYS A 288 -0.92 18.21 -8.31
C LYS A 288 0.59 18.55 -8.31
N GLY A 289 1.25 18.69 -9.46
CA GLY A 289 2.69 18.96 -9.35
C GLY A 289 3.59 17.72 -9.51
N SER A 290 4.84 17.82 -9.05
CA SER A 290 5.77 16.71 -9.26
C SER A 290 5.58 15.68 -8.15
N LEU A 291 5.70 14.43 -8.53
CA LEU A 291 5.41 13.39 -7.58
C LEU A 291 6.46 13.38 -6.49
N GLU A 292 7.67 13.81 -6.84
CA GLU A 292 8.77 13.99 -5.93
C GLU A 292 8.50 15.04 -4.86
N ASP A 293 7.83 16.14 -5.21
CA ASP A 293 7.48 17.10 -4.19
C ASP A 293 6.49 16.45 -3.20
N THR A 294 5.42 15.86 -3.73
CA THR A 294 4.50 15.08 -2.90
C THR A 294 5.24 14.14 -1.94
N LEU A 295 6.19 13.34 -2.47
CA LEU A 295 6.90 12.34 -1.68
C LEU A 295 7.82 12.92 -0.59
N ILE A 296 8.48 14.05 -0.89
CA ILE A 296 9.33 14.73 0.10
C ILE A 296 8.46 15.36 1.17
N GLU A 297 7.33 15.93 0.76
CA GLU A 297 6.37 16.46 1.71
C GLU A 297 5.81 15.37 2.67
N MET A 298 5.34 14.25 2.11
CA MET A 298 5.01 13.03 2.92
C MET A 298 6.07 12.73 3.94
N GLU A 299 7.31 12.61 3.48
CA GLU A 299 8.42 12.32 4.38
C GLU A 299 8.57 13.37 5.43
N GLN A 300 8.50 14.64 5.03
CA GLN A 300 8.57 15.72 6.04
C GLN A 300 7.45 15.71 7.05
N ASP A 301 6.21 15.44 6.59
CA ASP A 301 5.04 15.47 7.52
C ASP A 301 5.16 14.33 8.48
N LEU A 302 5.76 13.26 7.95
CA LEU A 302 5.85 12.05 8.68
C LEU A 302 6.98 12.19 9.69
N GLN A 303 8.00 13.01 9.37
CA GLN A 303 9.04 13.27 10.36
C GLN A 303 8.47 14.18 11.43
N SER A 304 7.57 15.13 11.07
CA SER A 304 6.84 15.86 12.14
C SER A 304 6.03 15.00 13.04
N SER A 305 5.42 13.99 12.44
CA SER A 305 4.66 13.03 13.17
C SER A 305 5.56 12.34 14.17
N ILE A 306 6.74 11.87 13.74
CA ILE A 306 7.76 11.30 14.72
C ILE A 306 8.22 12.28 15.82
N SER A 307 8.34 13.57 15.47
CA SER A 307 8.63 14.50 16.54
C SER A 307 7.54 14.48 17.58
N TYR A 308 6.27 14.59 17.12
CA TYR A 308 5.13 14.57 17.97
C TYR A 308 4.99 13.27 18.72
N ALA A 309 5.44 12.14 18.16
CA ALA A 309 5.28 10.84 18.80
C ALA A 309 6.34 10.64 19.88
N GLY A 310 7.17 11.69 20.07
CA GLY A 310 8.20 11.69 21.12
C GLY A 310 9.40 10.81 20.85
N GLY A 311 9.66 10.56 19.56
CA GLY A 311 10.74 9.63 19.11
C GLY A 311 11.60 10.13 17.98
N THR A 312 12.40 9.19 17.44
CA THR A 312 13.38 9.43 16.36
C THR A 312 13.10 8.64 15.09
N LYS A 313 12.38 7.53 15.27
CA LYS A 313 11.98 6.70 14.14
C LYS A 313 10.50 6.40 14.04
N LEU A 314 10.15 5.78 12.92
CA LEU A 314 8.76 5.50 12.56
C LEU A 314 8.00 4.80 13.68
N ASP A 315 8.63 3.80 14.27
CA ASP A 315 7.98 2.95 15.27
C ASP A 315 7.57 3.67 16.52
N SER A 316 8.12 4.84 16.77
CA SER A 316 7.69 5.67 17.89
C SER A 316 6.18 5.96 17.81
N ILE A 317 5.67 6.12 16.58
CA ILE A 317 4.22 6.31 16.36
C ILE A 317 3.31 5.20 16.92
N ARG A 318 3.85 4.01 16.98
CA ARG A 318 3.07 2.86 17.36
C ARG A 318 2.59 2.93 18.81
N THR A 319 3.21 3.76 19.63
CA THR A 319 3.01 3.67 21.10
C THR A 319 2.19 4.80 21.69
N VAL A 320 1.90 5.82 20.86
CA VAL A 320 1.24 7.02 21.34
C VAL A 320 -0.18 6.78 21.73
N ASP A 321 -0.71 7.56 22.68
CA ASP A 321 -2.12 7.53 22.93
C ASP A 321 -2.89 8.30 21.88
N TYR A 322 -4.22 8.17 21.92
CA TYR A 322 -5.06 8.76 20.95
C TYR A 322 -6.45 8.98 21.55
N VAL A 323 -7.20 9.89 20.96
CA VAL A 323 -8.59 10.05 21.32
C VAL A 323 -9.40 9.91 20.02
N VAL A 324 -10.66 9.53 20.20
CA VAL A 324 -11.69 9.46 19.14
C VAL A 324 -12.47 10.75 19.42
N VAL A 325 -12.43 11.73 18.51
CA VAL A 325 -13.15 12.99 18.70
C VAL A 325 -14.60 12.79 18.29
N LYS A 326 -15.42 13.79 18.58
CA LYS A 326 -16.83 13.63 18.52
C LYS A 326 -17.30 14.03 17.15
N ASN A 327 -16.81 15.14 16.62
CA ASN A 327 -17.30 15.56 15.35
C ASN A 327 -16.39 15.21 14.16
N SER A 328 -15.39 15.97 13.81
CA SER A 328 -14.16 15.28 13.27
C SER A 328 -13.04 16.16 13.85
N ILE A 329 -11.75 15.85 13.76
CA ILE A 329 -10.72 16.65 13.09
C ILE A 329 -11.09 17.94 12.34
N PHE A 330 -12.21 17.92 11.60
CA PHE A 330 -12.69 19.08 10.82
C PHE A 330 -13.93 19.80 11.41
#